data_8JAB
#
_entry.id   8JAB
#
_cell.length_a   58.033
_cell.length_b   65.264
_cell.length_c   144.263
_cell.angle_alpha   90.000
_cell.angle_beta   90.000
_cell.angle_gamma   90.000
#
_symmetry.space_group_name_H-M   'P 21 21 21'
#
loop_
_entity.id
_entity.type
_entity.pdbx_description
1 polymer 'Trehalose-binding lipoprotein LpqY'
2 non-polymer (2~{S},3~{S},4~{R},5~{S},6~{R})-2-(fluoranylmethyl)-6-[(2~{R},3~{R},4~{S},5~{S},6~{S})-6-(fluoranylmethyl)-3,4,5-tris(oxidanyl)oxan-2-yl]oxy-oxane-3,4,5-triol
3 non-polymer 'SULFATE ION'
4 water water
#
_entity_poly.entity_id   1
_entity_poly.type   'polypeptide(L)'
_entity_poly.pdbx_seq_one_letter_code
;VVMSRGRIPRLGAAVLVALTTAAAACGADSQGLVVSFYTPATDGATFTAIAQRCNQQFGGRFTIAQVSLPRSPNEQRLQL
ARRLTGNDRTLDVMALDVVWTAEFAEAGWALPLSDDPAGLAENDAVADTLPGPLATAGWNHKLYAAPVTTNTQLLWYRPD
LVNSPPTDWNAMIAEAARLHAAGEPSWIAVQANQGEGLVVWFNTLLVSAGGSVLSEDGRHVTLTDTPAHRAATVSALQIL
KSVATTPGADPSITRTEEGSARLAFEQGKAALEVNWPFVFASMLENAVKGGVPFLPLNRIPQLAGSINDIGTFTPSDEQF
RIAYDASQQVFGFAPYPAVAPGQPAKVTIGGLNLAVAKTTRHRAEAFEAVRCLRDQHNQRYVSLEGGLPAVRASLYSDPQ
FQAKYPMHAIIRQQLTDAAVRPATPVYQALSIRLAAVLSPITEIDPESTADELAAQAQKAIDGMGLLP
;
_entity_poly.pdbx_strand_id   A
#
# COMPACT_ATOMS: atom_id res chain seq x y z
N GLY A 32 6.03 -32.86 8.05
CA GLY A 32 4.68 -32.97 8.57
C GLY A 32 3.62 -32.29 7.72
N LEU A 33 2.61 -31.73 8.39
CA LEU A 33 1.52 -31.13 7.65
C LEU A 33 1.98 -29.86 6.94
N VAL A 34 1.17 -29.41 5.98
CA VAL A 34 1.47 -28.22 5.19
C VAL A 34 0.45 -27.13 5.55
N VAL A 35 0.96 -25.96 5.93
CA VAL A 35 0.15 -24.76 6.17
C VAL A 35 0.28 -23.92 4.90
N SER A 36 -0.77 -23.89 4.09
CA SER A 36 -0.72 -23.03 2.92
C SER A 36 -0.80 -21.56 3.32
N PHE A 37 -0.18 -20.69 2.51
CA PHE A 37 -0.03 -19.27 2.88
C PHE A 37 -0.25 -18.51 1.57
N TYR A 38 -1.47 -18.00 1.35
CA TYR A 38 -1.82 -17.28 0.13
C TYR A 38 -1.44 -15.79 0.22
N THR A 39 -0.70 -15.30 -0.78
CA THR A 39 -0.26 -13.90 -0.76
C THR A 39 -0.42 -13.33 -2.16
N PRO A 40 -0.43 -11.99 -2.29
CA PRO A 40 -0.40 -11.40 -3.64
C PRO A 40 0.81 -11.89 -4.42
N ALA A 41 0.63 -12.12 -5.74
CA ALA A 41 1.75 -12.67 -6.54
C ALA A 41 2.97 -11.75 -6.50
N THR A 42 2.77 -10.42 -6.49
CA THR A 42 3.91 -9.52 -6.58
C THR A 42 4.78 -9.60 -5.35
N ASP A 43 4.22 -10.07 -4.24
CA ASP A 43 4.98 -10.23 -3.00
C ASP A 43 5.38 -11.68 -2.77
N GLY A 44 5.15 -12.56 -3.75
CA GLY A 44 5.30 -14.00 -3.49
C GLY A 44 6.75 -14.36 -3.18
N ALA A 45 7.69 -13.76 -3.90
CA ALA A 45 9.09 -14.09 -3.66
C ALA A 45 9.50 -13.70 -2.24
N THR A 46 9.07 -12.51 -1.80
CA THR A 46 9.42 -12.07 -0.46
C THR A 46 8.83 -13.02 0.57
N PHE A 47 7.57 -13.39 0.36
CA PHE A 47 6.97 -14.20 1.41
C PHE A 47 7.46 -15.65 1.34
N THR A 48 7.92 -16.05 0.14
CA THR A 48 8.55 -17.37 0.02
C THR A 48 9.81 -17.42 0.84
N ALA A 49 10.61 -16.34 0.78
CA ALA A 49 11.83 -16.31 1.56
C ALA A 49 11.51 -16.36 3.04
N ILE A 50 10.49 -15.60 3.46
CA ILE A 50 10.16 -15.59 4.88
C ILE A 50 9.67 -16.97 5.29
N ALA A 51 8.87 -17.61 4.45
CA ALA A 51 8.34 -18.92 4.83
C ALA A 51 9.47 -19.90 4.98
N GLN A 52 10.48 -19.78 4.11
CA GLN A 52 11.57 -20.74 4.16
C GLN A 52 12.33 -20.60 5.46
N ARG A 53 12.52 -19.35 5.92
CA ARG A 53 13.16 -19.17 7.22
C ARG A 53 12.31 -19.76 8.33
N CYS A 54 11.00 -19.52 8.27
CA CYS A 54 10.04 -20.03 9.29
C CYS A 54 9.95 -21.56 9.27
N ASN A 55 10.39 -22.20 8.17
CA ASN A 55 10.31 -23.65 8.08
C ASN A 55 11.50 -24.32 8.74
N GLN A 56 12.59 -23.59 8.93
CA GLN A 56 13.71 -24.17 9.67
C GLN A 56 13.49 -24.21 11.17
N GLN A 57 12.50 -23.49 11.68
CA GLN A 57 12.33 -23.33 13.12
C GLN A 57 11.22 -24.19 13.68
N PHE A 58 10.62 -25.06 12.88
CA PHE A 58 9.44 -25.79 13.32
C PHE A 58 9.75 -27.23 13.72
N GLY A 59 11.02 -27.62 13.76
CA GLY A 59 11.37 -28.97 14.20
C GLY A 59 10.72 -30.06 13.37
N GLY A 60 10.50 -29.80 12.07
CA GLY A 60 9.85 -30.72 11.17
C GLY A 60 8.40 -31.00 11.48
N ARG A 61 7.80 -30.24 12.41
CA ARG A 61 6.40 -30.49 12.76
C ARG A 61 5.47 -30.07 11.62
N PHE A 62 5.79 -28.98 10.93
CA PHE A 62 4.99 -28.57 9.78
C PHE A 62 5.81 -27.63 8.91
N THR A 63 5.26 -27.37 7.69
CA THR A 63 5.92 -26.60 6.66
C THR A 63 4.93 -25.57 6.15
N ILE A 64 5.38 -24.34 5.95
CA ILE A 64 4.54 -23.32 5.32
C ILE A 64 4.84 -23.30 3.84
N ALA A 65 3.79 -23.29 3.02
CA ALA A 65 3.89 -23.30 1.56
C ALA A 65 3.20 -22.06 1.03
N GLN A 66 3.99 -21.11 0.55
CA GLN A 66 3.43 -19.90 -0.04
C GLN A 66 2.80 -20.23 -1.41
N VAL A 67 1.66 -19.59 -1.68
CA VAL A 67 0.87 -19.74 -2.91
C VAL A 67 0.47 -18.35 -3.35
N SER A 68 0.68 -18.06 -4.64
CA SER A 68 0.43 -16.71 -5.14
C SER A 68 -1.01 -16.54 -5.61
N LEU A 69 -1.57 -15.34 -5.37
CA LEU A 69 -2.85 -14.80 -5.82
C LEU A 69 -2.59 -13.73 -6.88
N PRO A 70 -3.56 -13.41 -7.74
CA PRO A 70 -3.29 -12.40 -8.78
C PRO A 70 -2.97 -11.01 -8.20
N ARG A 71 -2.48 -10.15 -9.08
CA ARG A 71 -2.56 -8.71 -8.84
C ARG A 71 -4.02 -8.29 -8.94
N SER A 72 -4.34 -7.18 -8.23
CA SER A 72 -5.65 -6.55 -8.05
C SER A 72 -6.15 -7.00 -6.67
N PRO A 73 -6.26 -6.11 -5.69
CA PRO A 73 -6.94 -6.50 -4.43
C PRO A 73 -8.28 -7.22 -4.66
N ASN A 74 -9.08 -6.78 -5.64
CA ASN A 74 -10.38 -7.39 -5.84
C ASN A 74 -10.26 -8.83 -6.33
N GLU A 75 -9.33 -9.11 -7.23
CA GLU A 75 -9.27 -10.49 -7.69
C GLU A 75 -8.55 -11.39 -6.68
N GLN A 76 -7.62 -10.83 -5.86
CA GLN A 76 -7.09 -11.50 -4.65
C GLN A 76 -8.27 -12.03 -3.81
N ARG A 77 -9.15 -11.09 -3.43
CA ARG A 77 -10.30 -11.42 -2.60
C ARG A 77 -11.22 -12.45 -3.26
N LEU A 78 -11.48 -12.29 -4.56
CA LEU A 78 -12.37 -13.19 -5.28
C LEU A 78 -11.89 -14.64 -5.20
N GLN A 79 -10.60 -14.85 -5.44
CA GLN A 79 -10.05 -16.20 -5.37
C GLN A 79 -10.22 -16.78 -3.97
N LEU A 80 -9.89 -15.98 -2.94
CA LEU A 80 -10.06 -16.48 -1.58
C LEU A 80 -11.53 -16.79 -1.28
N ALA A 81 -12.44 -15.90 -1.69
CA ALA A 81 -13.85 -16.09 -1.33
C ALA A 81 -14.41 -17.34 -1.98
N ARG A 82 -14.00 -17.65 -3.21
CA ARG A 82 -14.41 -18.89 -3.86
C ARG A 82 -13.89 -20.11 -3.10
N ARG A 83 -12.64 -20.08 -2.63
CA ARG A 83 -12.13 -21.22 -1.86
C ARG A 83 -12.85 -21.34 -0.51
N LEU A 84 -13.17 -20.20 0.10
CA LEU A 84 -13.83 -20.19 1.39
C LEU A 84 -15.27 -20.69 1.29
N THR A 85 -16.04 -20.18 0.32
CA THR A 85 -17.41 -20.66 0.17
C THR A 85 -17.45 -22.07 -0.41
N GLY A 86 -16.41 -22.49 -1.10
CA GLY A 86 -16.36 -23.86 -1.59
C GLY A 86 -15.82 -24.85 -0.59
N ASN A 87 -15.45 -24.36 0.61
CA ASN A 87 -14.90 -25.20 1.69
C ASN A 87 -13.65 -25.97 1.26
N ASP A 88 -12.69 -25.25 0.66
CA ASP A 88 -11.36 -25.78 0.32
C ASP A 88 -10.60 -26.03 1.62
N ARG A 89 -10.53 -27.30 2.05
CA ARG A 89 -9.91 -27.57 3.34
C ARG A 89 -8.39 -27.55 3.29
N THR A 90 -7.77 -27.25 2.14
CA THR A 90 -6.33 -27.05 2.09
C THR A 90 -5.92 -25.60 2.26
N LEU A 91 -6.87 -24.69 2.43
CA LEU A 91 -6.60 -23.25 2.59
C LEU A 91 -6.42 -22.94 4.08
N ASP A 92 -5.24 -22.43 4.46
CA ASP A 92 -4.91 -22.22 5.88
C ASP A 92 -4.73 -20.75 6.25
N VAL A 93 -3.73 -20.06 5.71
CA VAL A 93 -3.40 -18.68 6.12
C VAL A 93 -3.48 -17.78 4.87
N MET A 94 -4.02 -16.58 5.06
CA MET A 94 -4.19 -15.63 3.93
C MET A 94 -3.64 -14.24 4.30
N ALA A 95 -2.90 -13.64 3.37
CA ALA A 95 -2.44 -12.26 3.53
C ALA A 95 -3.49 -11.36 2.87
N LEU A 96 -4.28 -10.65 3.69
CA LEU A 96 -5.43 -9.89 3.21
C LEU A 96 -5.08 -8.41 3.12
N ASP A 97 -5.53 -7.77 2.05
CA ASP A 97 -5.49 -6.32 2.07
C ASP A 97 -6.28 -5.78 3.27
N VAL A 98 -5.86 -4.60 3.74
CA VAL A 98 -6.46 -4.03 4.96
C VAL A 98 -7.93 -3.73 4.77
N VAL A 99 -8.40 -3.55 3.52
CA VAL A 99 -9.81 -3.20 3.34
C VAL A 99 -10.77 -4.39 3.40
N TRP A 100 -10.28 -5.64 3.52
CA TRP A 100 -11.14 -6.83 3.46
C TRP A 100 -11.55 -7.35 4.82
N THR A 101 -11.01 -6.76 5.89
CA THR A 101 -11.26 -7.28 7.23
C THR A 101 -12.75 -7.39 7.52
N ALA A 102 -13.50 -6.31 7.28
CA ALA A 102 -14.89 -6.34 7.71
C ALA A 102 -15.65 -7.44 6.97
N GLU A 103 -15.41 -7.57 5.67
CA GLU A 103 -16.14 -8.57 4.91
C GLU A 103 -15.75 -9.98 5.39
N PHE A 104 -14.46 -10.20 5.65
CA PHE A 104 -14.07 -11.57 5.96
C PHE A 104 -14.47 -11.88 7.40
N ALA A 105 -14.52 -10.85 8.27
CA ALA A 105 -14.88 -11.10 9.66
C ALA A 105 -16.36 -11.41 9.77
N GLU A 106 -17.19 -10.57 9.13
CA GLU A 106 -18.64 -10.74 9.22
C GLU A 106 -19.09 -12.03 8.54
N ALA A 107 -18.40 -12.46 7.48
CA ALA A 107 -18.74 -13.72 6.80
C ALA A 107 -18.35 -14.95 7.59
N GLY A 108 -17.52 -14.80 8.61
CA GLY A 108 -16.94 -15.96 9.29
C GLY A 108 -15.75 -16.56 8.56
N TRP A 109 -15.27 -15.91 7.50
CA TRP A 109 -14.18 -16.47 6.71
C TRP A 109 -12.84 -16.37 7.44
N ALA A 110 -12.57 -15.23 8.06
CA ALA A 110 -11.39 -15.07 8.92
C ALA A 110 -11.81 -15.42 10.34
N LEU A 111 -11.15 -16.41 10.91
CA LEU A 111 -11.39 -16.71 12.32
C LEU A 111 -10.92 -15.57 13.23
N PRO A 112 -11.62 -15.30 14.33
CA PRO A 112 -11.11 -14.29 15.29
C PRO A 112 -9.82 -14.81 15.89
N LEU A 113 -8.92 -13.91 16.25
CA LEU A 113 -7.67 -14.38 16.84
C LEU A 113 -7.93 -15.11 18.14
N SER A 114 -9.07 -14.84 18.77
CA SER A 114 -9.40 -15.58 19.99
C SER A 114 -9.69 -17.05 19.72
N ASP A 115 -9.83 -17.47 18.45
CA ASP A 115 -10.01 -18.89 18.14
C ASP A 115 -8.70 -19.67 18.14
N ASP A 116 -7.56 -19.04 18.36
CA ASP A 116 -6.31 -19.78 18.50
C ASP A 116 -6.43 -20.76 19.69
N PRO A 117 -6.33 -22.07 19.46
CA PRO A 117 -6.38 -23.02 20.61
C PRO A 117 -5.29 -22.76 21.63
N ALA A 118 -4.16 -22.19 21.23
CA ALA A 118 -3.13 -21.88 22.23
C ALA A 118 -3.40 -20.60 23.02
N GLY A 119 -4.33 -19.76 22.56
CA GLY A 119 -4.63 -18.51 23.23
C GLY A 119 -3.48 -17.52 23.17
N LEU A 120 -2.62 -17.61 22.15
CA LEU A 120 -1.45 -16.73 22.08
C LEU A 120 -1.57 -15.68 20.98
N ALA A 121 -2.49 -15.89 20.03
CA ALA A 121 -2.56 -15.01 18.85
C ALA A 121 -2.88 -13.54 19.18
N GLU A 122 -3.88 -13.28 20.03
CA GLU A 122 -4.26 -11.88 20.30
C GLU A 122 -3.10 -11.10 20.94
N ASN A 123 -2.47 -11.69 21.97
CA ASN A 123 -1.37 -10.98 22.62
C ASN A 123 -0.21 -10.77 21.66
N ASP A 124 0.05 -11.75 20.79
CA ASP A 124 1.14 -11.60 19.84
C ASP A 124 0.81 -10.49 18.85
N ALA A 125 -0.46 -10.41 18.41
CA ALA A 125 -0.80 -9.42 17.38
C ALA A 125 -0.61 -8.02 17.90
N VAL A 126 -0.91 -7.79 19.19
CA VAL A 126 -0.80 -6.40 19.65
C VAL A 126 0.58 -6.03 20.16
N ALA A 127 1.42 -6.99 20.51
CA ALA A 127 2.69 -6.68 21.15
C ALA A 127 3.65 -6.04 20.13
N ASP A 128 4.27 -4.92 20.53
CA ASP A 128 5.25 -4.21 19.70
C ASP A 128 4.71 -3.92 18.29
N THR A 129 3.42 -3.63 18.16
CA THR A 129 2.82 -3.36 16.84
C THR A 129 2.22 -1.97 16.79
N LEU A 130 2.39 -1.27 15.67
CA LEU A 130 1.86 0.10 15.59
C LEU A 130 0.34 0.10 15.65
N PRO A 131 -0.27 1.14 16.23
CA PRO A 131 -1.73 1.14 16.40
C PRO A 131 -2.53 1.35 15.13
N GLY A 132 -2.03 2.10 14.16
CA GLY A 132 -2.79 2.26 12.92
C GLY A 132 -3.09 0.94 12.20
N PRO A 133 -2.03 0.14 11.92
CA PRO A 133 -2.24 -1.21 11.35
C PRO A 133 -3.22 -2.06 12.16
N LEU A 134 -3.09 -2.00 13.50
CA LEU A 134 -3.97 -2.83 14.31
C LEU A 134 -5.42 -2.43 14.13
N ALA A 135 -5.69 -1.13 13.98
CA ALA A 135 -7.06 -0.74 13.74
C ALA A 135 -7.60 -1.37 12.44
N THR A 136 -6.72 -1.57 11.43
CA THR A 136 -7.25 -2.14 10.19
C THR A 136 -7.58 -3.64 10.34
N ALA A 137 -7.07 -4.27 11.41
CA ALA A 137 -7.28 -5.73 11.61
C ALA A 137 -8.48 -6.07 12.48
N GLY A 138 -9.25 -5.09 12.93
CA GLY A 138 -10.35 -5.34 13.84
C GLY A 138 -11.73 -5.16 13.25
N TRP A 139 -12.72 -5.77 13.90
CA TRP A 139 -14.11 -5.63 13.48
C TRP A 139 -14.98 -5.92 14.69
N ASN A 140 -15.92 -5.02 14.99
CA ASN A 140 -16.86 -5.23 16.11
C ASN A 140 -16.09 -5.51 17.40
N HIS A 141 -15.04 -4.73 17.63
CA HIS A 141 -14.22 -4.78 18.83
C HIS A 141 -13.39 -6.07 19.03
N LYS A 142 -13.14 -6.87 17.98
CA LYS A 142 -12.21 -7.99 18.09
C LYS A 142 -11.22 -7.97 16.92
N LEU A 143 -10.03 -8.52 17.16
CA LEU A 143 -9.09 -8.70 16.07
C LEU A 143 -9.40 -9.98 15.29
N TYR A 144 -9.37 -9.87 13.97
CA TYR A 144 -9.58 -11.00 13.05
C TYR A 144 -8.35 -11.31 12.19
N ALA A 145 -7.23 -10.64 12.45
CA ALA A 145 -6.03 -10.82 11.69
C ALA A 145 -4.90 -10.19 12.50
N ALA A 146 -3.68 -10.60 12.17
CA ALA A 146 -2.48 -10.01 12.78
C ALA A 146 -1.75 -9.21 11.71
N PRO A 147 -1.54 -7.91 11.91
CA PRO A 147 -0.88 -7.11 10.86
C PRO A 147 0.51 -7.67 10.55
N VAL A 148 0.89 -7.71 9.27
CA VAL A 148 2.27 -8.07 8.92
C VAL A 148 2.96 -6.96 8.13
N THR A 149 2.25 -6.24 7.28
CA THR A 149 2.88 -5.09 6.63
C THR A 149 1.89 -3.94 6.59
N THR A 150 2.43 -2.74 6.47
CA THR A 150 1.56 -1.58 6.40
C THR A 150 2.01 -0.80 5.18
N ASN A 151 1.47 0.40 4.97
CA ASN A 151 1.81 1.08 3.73
C ASN A 151 1.24 2.49 3.82
N THR A 152 1.96 3.44 3.22
CA THR A 152 1.52 4.82 3.12
C THR A 152 2.29 5.38 1.93
N GLN A 153 1.69 6.34 1.22
CA GLN A 153 2.35 6.87 0.03
C GLN A 153 3.20 8.10 0.35
N LEU A 154 4.33 8.25 -0.34
CA LEU A 154 5.21 9.42 -0.23
C LEU A 154 5.28 10.12 -1.58
N LEU A 155 5.82 11.36 -1.55
CA LEU A 155 6.24 12.07 -2.76
C LEU A 155 7.68 11.65 -3.09
N TRP A 156 7.93 11.27 -4.34
CA TRP A 156 9.26 10.89 -4.84
C TRP A 156 9.56 11.90 -5.94
N TYR A 157 10.77 12.43 -5.97
CA TYR A 157 11.02 13.50 -6.96
C TYR A 157 12.46 13.43 -7.44
N ARG A 158 12.72 14.16 -8.55
CA ARG A 158 14.05 14.23 -9.12
C ARG A 158 14.72 15.50 -8.61
N PRO A 159 15.62 15.41 -7.63
CA PRO A 159 16.21 16.64 -7.06
C PRO A 159 17.10 17.38 -8.05
N ASP A 160 17.56 16.72 -9.10
CA ASP A 160 18.36 17.37 -10.12
C ASP A 160 17.51 18.22 -11.06
N LEU A 161 16.18 18.07 -11.02
CA LEU A 161 15.23 18.83 -11.85
C LEU A 161 14.27 19.68 -11.03
N VAL A 162 13.99 19.27 -9.81
CA VAL A 162 13.01 19.94 -8.96
C VAL A 162 13.78 20.44 -7.75
N ASN A 163 13.88 21.75 -7.63
CA ASN A 163 14.78 22.32 -6.62
C ASN A 163 14.27 22.06 -5.21
N SER A 164 12.96 22.14 -4.99
CA SER A 164 12.41 21.85 -3.69
C SER A 164 11.11 21.08 -3.90
N PRO A 165 10.89 19.99 -3.20
CA PRO A 165 9.70 19.16 -3.45
C PRO A 165 8.43 19.89 -3.03
N PRO A 166 7.42 19.90 -3.90
CA PRO A 166 6.15 20.56 -3.59
C PRO A 166 5.55 20.05 -2.29
N THR A 167 5.01 20.96 -1.48
CA THR A 167 4.44 20.62 -0.19
C THR A 167 2.92 20.49 -0.21
N ASP A 168 2.26 20.89 -1.30
CA ASP A 168 0.82 20.82 -1.41
C ASP A 168 0.45 20.68 -2.88
N TRP A 169 -0.82 20.36 -3.15
CA TRP A 169 -1.16 19.94 -4.51
C TRP A 169 -1.16 21.11 -5.50
N ASN A 170 -1.50 22.32 -5.07
CA ASN A 170 -1.38 23.42 -6.02
C ASN A 170 0.08 23.61 -6.44
N ALA A 171 1.01 23.43 -5.49
CA ALA A 171 2.45 23.47 -5.79
C ALA A 171 2.88 22.32 -6.69
N MET A 172 2.28 21.13 -6.54
CA MET A 172 2.58 20.06 -7.49
C MET A 172 2.17 20.47 -8.90
N ILE A 173 0.98 21.05 -9.04
CA ILE A 173 0.47 21.47 -10.37
C ILE A 173 1.42 22.50 -10.98
N ALA A 174 1.78 23.50 -10.19
CA ALA A 174 2.69 24.54 -10.65
C ALA A 174 4.03 23.95 -11.07
N GLU A 175 4.59 23.03 -10.27
CA GLU A 175 5.87 22.44 -10.63
C GLU A 175 5.78 21.65 -11.93
N ALA A 176 4.70 20.90 -12.12
CA ALA A 176 4.61 20.13 -13.36
C ALA A 176 4.54 21.07 -14.56
N ALA A 177 3.85 22.18 -14.39
CA ALA A 177 3.75 23.16 -15.50
C ALA A 177 5.11 23.79 -15.78
N ARG A 178 5.81 24.22 -14.71
CA ARG A 178 7.15 24.77 -14.88
C ARG A 178 8.08 23.80 -15.58
N LEU A 179 8.00 22.51 -15.24
CA LEU A 179 8.82 21.51 -15.92
C LEU A 179 8.46 21.39 -17.39
N HIS A 180 7.16 21.33 -17.70
CA HIS A 180 6.72 21.25 -19.09
C HIS A 180 7.25 22.42 -19.90
N ALA A 181 7.19 23.62 -19.32
CA ALA A 181 7.66 24.82 -19.99
C ALA A 181 9.17 24.80 -20.16
N ALA A 182 9.90 24.17 -19.24
CA ALA A 182 11.35 24.02 -19.40
C ALA A 182 11.74 22.85 -20.29
N GLY A 183 10.78 22.19 -20.94
CA GLY A 183 11.09 21.00 -21.73
C GLY A 183 11.53 19.76 -20.95
N GLU A 184 11.25 19.69 -19.65
CA GLU A 184 11.63 18.58 -18.80
C GLU A 184 10.46 17.62 -18.61
N PRO A 185 10.70 16.39 -18.12
CA PRO A 185 9.59 15.45 -17.92
C PRO A 185 8.49 16.05 -17.07
N SER A 186 7.25 15.91 -17.56
CA SER A 186 6.16 16.71 -17.03
C SER A 186 5.03 15.90 -16.40
N TRP A 187 5.02 14.57 -16.52
CA TRP A 187 4.00 13.75 -15.90
C TRP A 187 4.06 13.88 -14.37
N ILE A 188 2.91 13.97 -13.74
CA ILE A 188 2.77 13.62 -12.32
C ILE A 188 2.33 12.16 -12.29
N ALA A 189 3.25 11.27 -11.91
CA ALA A 189 2.98 9.84 -11.94
C ALA A 189 2.35 9.46 -10.61
N VAL A 190 1.05 9.23 -10.58
CA VAL A 190 0.35 8.78 -9.37
C VAL A 190 -0.03 7.32 -9.58
N GLN A 191 0.21 6.47 -8.57
CA GLN A 191 -0.10 5.04 -8.77
C GLN A 191 -1.63 4.92 -8.69
N ALA A 192 -2.28 5.13 -9.84
CA ALA A 192 -3.74 5.17 -9.91
C ALA A 192 -4.27 5.11 -11.33
N ASN A 193 -5.00 4.04 -11.68
CA ASN A 193 -5.60 3.89 -13.00
C ASN A 193 -7.11 4.00 -12.87
N GLN A 194 -7.86 2.89 -12.94
CA GLN A 194 -9.31 2.83 -12.81
C GLN A 194 -9.78 1.92 -11.68
N GLY A 195 -8.95 1.62 -10.70
CA GLY A 195 -9.30 0.63 -9.69
C GLY A 195 -9.01 1.13 -8.29
N GLU A 196 -8.49 0.23 -7.43
CA GLU A 196 -8.37 0.56 -6.03
C GLU A 196 -7.40 1.72 -5.80
N GLY A 197 -6.32 1.80 -6.58
CA GLY A 197 -5.35 2.89 -6.39
C GLY A 197 -5.98 4.26 -6.60
N LEU A 198 -6.90 4.35 -7.55
CA LEU A 198 -7.61 5.63 -7.74
C LEU A 198 -8.51 5.94 -6.54
N VAL A 199 -9.19 4.92 -6.01
CA VAL A 199 -10.02 5.11 -4.82
C VAL A 199 -9.16 5.57 -3.65
N VAL A 200 -7.95 5.00 -3.54
CA VAL A 200 -7.01 5.39 -2.47
C VAL A 200 -6.62 6.87 -2.60
N TRP A 201 -6.27 7.29 -3.82
CA TRP A 201 -5.89 8.69 -4.05
C TRP A 201 -7.04 9.62 -3.68
N PHE A 202 -8.24 9.33 -4.17
CA PHE A 202 -9.40 10.13 -3.81
C PHE A 202 -9.64 10.13 -2.30
N ASN A 203 -9.52 8.98 -1.65
CA ASN A 203 -9.73 8.93 -0.21
C ASN A 203 -8.75 9.81 0.54
N THR A 204 -7.49 9.77 0.13
CA THR A 204 -6.50 10.64 0.77
C THR A 204 -6.86 12.12 0.60
N LEU A 205 -7.19 12.51 -0.63
CA LEU A 205 -7.56 13.91 -0.83
C LEU A 205 -8.77 14.29 0.00
N LEU A 206 -9.79 13.44 -0.01
CA LEU A 206 -11.03 13.72 0.70
C LEU A 206 -10.81 13.85 2.21
N VAL A 207 -10.10 12.89 2.82
CA VAL A 207 -9.88 12.94 4.27
C VAL A 207 -8.94 14.09 4.61
N SER A 208 -7.94 14.34 3.77
CA SER A 208 -7.04 15.49 3.97
C SER A 208 -7.81 16.82 3.97
N ALA A 209 -8.92 16.90 3.26
CA ALA A 209 -9.77 18.09 3.18
C ALA A 209 -10.84 18.12 4.27
N GLY A 210 -10.91 17.09 5.13
CA GLY A 210 -11.84 16.99 6.22
C GLY A 210 -13.09 16.21 5.96
N GLY A 211 -13.18 15.47 4.84
CA GLY A 211 -14.36 14.70 4.51
C GLY A 211 -14.17 13.22 4.85
N SER A 212 -15.13 12.44 4.39
CA SER A 212 -15.23 11.00 4.67
C SER A 212 -16.22 10.38 3.71
N VAL A 213 -15.94 9.17 3.20
CA VAL A 213 -16.90 8.51 2.32
C VAL A 213 -18.16 8.12 3.10
N LEU A 214 -17.98 7.45 4.22
CA LEU A 214 -19.05 6.96 5.07
C LEU A 214 -18.93 7.49 6.49
N SER A 215 -20.04 7.40 7.23
CA SER A 215 -20.08 7.71 8.65
C SER A 215 -19.25 6.69 9.42
N GLU A 216 -18.95 7.02 10.68
CA GLU A 216 -18.10 6.17 11.49
C GLU A 216 -18.60 4.74 11.52
N ASP A 217 -19.90 4.56 11.78
CA ASP A 217 -20.47 3.21 11.84
C ASP A 217 -20.67 2.58 10.47
N GLY A 218 -20.29 3.24 9.38
CA GLY A 218 -20.42 2.66 8.06
C GLY A 218 -21.83 2.59 7.51
N ARG A 219 -22.82 3.17 8.18
CA ARG A 219 -24.20 2.98 7.74
C ARG A 219 -24.75 4.12 6.88
N HIS A 220 -24.06 5.26 6.82
CA HIS A 220 -24.53 6.39 6.03
C HIS A 220 -23.43 6.92 5.13
N VAL A 221 -23.84 7.42 3.96
CA VAL A 221 -22.91 8.08 3.03
C VAL A 221 -22.73 9.54 3.46
N THR A 222 -21.48 9.97 3.59
CA THR A 222 -21.19 11.31 4.11
C THR A 222 -20.37 12.16 3.13
N LEU A 223 -20.48 11.87 1.84
CA LEU A 223 -19.79 12.65 0.82
C LEU A 223 -20.42 14.02 0.63
N THR A 224 -21.74 14.12 0.78
CA THR A 224 -22.45 15.37 0.45
C THR A 224 -23.53 15.71 1.47
N ASP A 225 -23.54 15.07 2.63
CA ASP A 225 -24.67 15.22 3.54
C ASP A 225 -24.66 16.50 4.37
N THR A 226 -23.53 17.17 4.55
CA THR A 226 -23.46 18.48 5.19
C THR A 226 -22.68 19.41 4.29
N PRO A 227 -22.80 20.73 4.50
CA PRO A 227 -21.96 21.65 3.69
C PRO A 227 -20.45 21.40 3.84
N ALA A 228 -19.95 21.17 5.06
CA ALA A 228 -18.53 20.90 5.23
C ALA A 228 -18.07 19.64 4.47
N HIS A 229 -18.89 18.56 4.50
CA HIS A 229 -18.55 17.34 3.80
C HIS A 229 -18.61 17.53 2.30
N ARG A 230 -19.65 18.20 1.80
CA ARG A 230 -19.71 18.47 0.37
C ARG A 230 -18.49 19.29 -0.08
N ALA A 231 -18.10 20.29 0.72
CA ALA A 231 -16.96 21.15 0.37
C ALA A 231 -15.69 20.32 0.28
N ALA A 232 -15.52 19.38 1.21
CA ALA A 232 -14.35 18.49 1.15
C ALA A 232 -14.36 17.62 -0.12
N THR A 233 -15.52 17.04 -0.45
CA THR A 233 -15.59 16.19 -1.64
C THR A 233 -15.30 16.99 -2.91
N VAL A 234 -15.85 18.20 -2.99
CA VAL A 234 -15.62 19.05 -4.16
C VAL A 234 -14.15 19.43 -4.28
N SER A 235 -13.53 19.83 -3.17
CA SER A 235 -12.10 20.14 -3.15
C SER A 235 -11.25 18.96 -3.64
N ALA A 236 -11.56 17.75 -3.19
CA ALA A 236 -10.79 16.58 -3.64
C ALA A 236 -10.94 16.36 -5.15
N LEU A 237 -12.18 16.41 -5.63
CA LEU A 237 -12.43 16.24 -7.07
C LEU A 237 -11.71 17.32 -7.89
N GLN A 238 -11.66 18.56 -7.39
CA GLN A 238 -10.98 19.64 -8.12
C GLN A 238 -9.49 19.33 -8.27
N ILE A 239 -8.90 18.72 -7.23
CA ILE A 239 -7.49 18.35 -7.36
C ILE A 239 -7.28 17.22 -8.40
N LEU A 240 -8.13 16.19 -8.37
CA LEU A 240 -8.01 15.11 -9.36
C LEU A 240 -8.08 15.66 -10.78
N LYS A 241 -9.06 16.53 -11.00
CA LYS A 241 -9.25 17.11 -12.33
C LYS A 241 -8.05 17.97 -12.75
N SER A 242 -7.54 18.77 -11.82
CA SER A 242 -6.40 19.64 -12.12
C SER A 242 -5.15 18.85 -12.45
N VAL A 243 -4.85 17.79 -11.67
CA VAL A 243 -3.69 16.99 -11.98
C VAL A 243 -3.88 16.29 -13.32
N ALA A 244 -5.08 15.82 -13.60
CA ALA A 244 -5.34 15.12 -14.86
C ALA A 244 -5.12 16.00 -16.07
N THR A 245 -5.20 17.32 -15.92
CA THR A 245 -5.19 18.23 -17.08
C THR A 245 -4.06 19.25 -17.02
N THR A 246 -2.96 18.91 -16.34
CA THR A 246 -1.76 19.74 -16.31
C THR A 246 -1.04 19.61 -17.66
N PRO A 247 -0.46 20.69 -18.19
CA PRO A 247 0.22 20.58 -19.48
C PRO A 247 1.32 19.53 -19.36
N GLY A 248 1.42 18.68 -20.36
CA GLY A 248 2.38 17.58 -20.28
C GLY A 248 1.87 16.37 -19.55
N ALA A 249 0.58 16.30 -19.26
CA ALA A 249 0.03 15.13 -18.56
C ALA A 249 0.15 13.88 -19.42
N ASP A 250 0.26 12.75 -18.74
CA ASP A 250 0.32 11.43 -19.36
C ASP A 250 -0.88 11.18 -20.26
N PRO A 251 -0.68 10.89 -21.55
CA PRO A 251 -1.81 10.50 -22.41
C PRO A 251 -2.54 9.22 -21.95
N SER A 252 -1.96 8.48 -21.00
CA SER A 252 -2.51 7.23 -20.49
C SER A 252 -3.71 7.40 -19.57
N ILE A 253 -3.97 8.63 -19.11
CA ILE A 253 -5.01 8.87 -18.11
C ILE A 253 -6.38 8.44 -18.63
N THR A 254 -6.67 8.77 -19.90
CA THR A 254 -8.01 8.61 -20.44
C THR A 254 -8.34 7.14 -20.75
N ARG A 255 -7.35 6.38 -21.24
CA ARG A 255 -7.57 4.98 -21.63
C ARG A 255 -7.83 4.10 -20.42
N THR A 256 -8.24 2.86 -20.72
CA THR A 256 -8.65 1.88 -19.73
C THR A 256 -7.55 0.89 -19.38
N GLU A 257 -6.33 1.10 -19.88
CA GLU A 257 -5.24 0.15 -19.69
C GLU A 257 -4.52 0.43 -18.37
N GLU A 258 -3.48 -0.36 -18.10
CA GLU A 258 -2.79 -0.33 -16.82
C GLU A 258 -1.37 0.17 -17.03
N GLY A 259 -1.01 1.26 -16.34
CA GLY A 259 0.33 1.78 -16.34
C GLY A 259 0.93 1.69 -14.94
N SER A 260 2.23 1.95 -14.87
CA SER A 260 2.97 1.86 -13.61
C SER A 260 3.62 3.20 -13.35
N ALA A 261 3.20 3.88 -12.28
CA ALA A 261 3.88 5.10 -11.86
C ALA A 261 5.35 4.81 -11.57
N ARG A 262 5.62 3.68 -10.90
CA ARG A 262 6.99 3.32 -10.58
C ARG A 262 7.86 3.28 -11.84
N LEU A 263 7.36 2.62 -12.88
CA LEU A 263 8.16 2.44 -14.09
C LEU A 263 8.26 3.73 -14.90
N ALA A 264 7.19 4.54 -14.89
CA ALA A 264 7.27 5.85 -15.55
C ALA A 264 8.39 6.70 -14.96
N PHE A 265 8.50 6.71 -13.62
CA PHE A 265 9.56 7.50 -13.02
C PHE A 265 10.93 6.89 -13.31
N GLU A 266 11.05 5.56 -13.23
CA GLU A 266 12.34 4.90 -13.44
C GLU A 266 12.84 5.14 -14.86
N GLN A 267 11.91 5.31 -15.79
CA GLN A 267 12.20 5.55 -17.22
C GLN A 267 12.38 7.02 -17.54
N GLY A 268 12.28 7.92 -16.57
CA GLY A 268 12.48 9.34 -16.82
C GLY A 268 11.34 10.06 -17.49
N LYS A 269 10.14 9.48 -17.49
CA LYS A 269 8.96 10.16 -18.01
C LYS A 269 8.29 11.08 -16.98
N ALA A 270 8.64 10.97 -15.71
CA ALA A 270 8.05 11.82 -14.68
C ALA A 270 9.16 12.25 -13.73
N ALA A 271 9.10 13.48 -13.26
CA ALA A 271 10.03 13.96 -12.26
C ALA A 271 9.37 14.09 -10.90
N LEU A 272 8.08 13.78 -10.81
CA LEU A 272 7.30 13.79 -9.60
C LEU A 272 6.44 12.54 -9.62
N GLU A 273 6.46 11.77 -8.52
CA GLU A 273 5.70 10.54 -8.43
C GLU A 273 5.11 10.49 -7.03
N VAL A 274 3.89 9.95 -6.91
CA VAL A 274 3.26 9.70 -5.58
C VAL A 274 3.08 8.19 -5.52
N ASN A 275 3.70 7.51 -4.56
CA ASN A 275 3.64 6.04 -4.60
C ASN A 275 4.01 5.48 -3.25
N TRP A 276 3.72 4.20 -3.08
CA TRP A 276 4.09 3.44 -1.87
C TRP A 276 5.61 3.25 -1.83
N PRO A 277 6.19 3.00 -0.66
CA PRO A 277 7.65 3.09 -0.52
C PRO A 277 8.43 1.94 -1.15
N PHE A 278 7.76 0.90 -1.69
CA PHE A 278 8.48 -0.19 -2.39
C PHE A 278 9.27 0.35 -3.59
N VAL A 279 8.92 1.54 -4.06
CA VAL A 279 9.67 2.14 -5.17
C VAL A 279 11.10 2.42 -4.77
N PHE A 280 11.38 2.63 -3.47
CA PHE A 280 12.77 2.84 -3.06
C PHE A 280 13.63 1.60 -3.38
N ALA A 281 13.19 0.42 -2.92
CA ALA A 281 14.00 -0.78 -3.17
C ALA A 281 14.08 -1.05 -4.66
N SER A 282 12.99 -0.71 -5.37
CA SER A 282 12.98 -0.97 -6.80
C SER A 282 13.99 -0.08 -7.50
N MET A 283 14.08 1.20 -7.07
CA MET A 283 14.97 2.11 -7.77
C MET A 283 16.41 1.65 -7.63
N LEU A 284 16.80 1.20 -6.43
CA LEU A 284 18.21 0.85 -6.29
C LEU A 284 18.49 -0.44 -7.07
N GLU A 285 17.56 -1.40 -7.01
CA GLU A 285 17.80 -2.70 -7.60
C GLU A 285 17.86 -2.57 -9.10
N ASN A 286 16.84 -1.94 -9.67
CA ASN A 286 16.80 -1.78 -11.12
C ASN A 286 17.93 -0.87 -11.61
N ALA A 287 18.37 0.09 -10.78
CA ALA A 287 19.48 0.93 -11.23
C ALA A 287 20.75 0.10 -11.32
N VAL A 288 20.95 -0.81 -10.35
CA VAL A 288 22.13 -1.66 -10.37
C VAL A 288 22.04 -2.63 -11.55
N LYS A 289 20.82 -3.02 -11.95
CA LYS A 289 20.68 -3.90 -13.09
C LYS A 289 20.84 -3.18 -14.42
N GLY A 290 20.84 -1.85 -14.45
CA GLY A 290 20.96 -1.11 -15.70
C GLY A 290 19.66 -0.59 -16.27
N GLY A 291 18.56 -0.69 -15.53
CA GLY A 291 17.27 -0.26 -16.04
C GLY A 291 16.84 1.15 -15.74
N VAL A 292 17.69 2.01 -15.17
CA VAL A 292 17.33 3.39 -14.86
C VAL A 292 18.34 4.30 -15.55
N PRO A 293 17.95 4.91 -16.67
CA PRO A 293 18.91 5.72 -17.47
C PRO A 293 19.63 6.83 -16.71
N PHE A 294 18.97 7.56 -15.81
CA PHE A 294 19.62 8.68 -15.15
C PHE A 294 20.37 8.27 -13.87
N LEU A 295 20.42 6.98 -13.56
CA LEU A 295 21.10 6.46 -12.37
C LEU A 295 21.86 5.19 -12.76
N PRO A 296 23.00 5.33 -13.44
CA PRO A 296 23.73 4.15 -13.96
C PRO A 296 24.60 3.47 -12.91
N LEU A 297 23.97 2.92 -11.86
CA LEU A 297 24.70 2.19 -10.84
C LEU A 297 25.34 0.90 -11.40
N ASN A 298 24.85 0.42 -12.54
CA ASN A 298 25.42 -0.75 -13.19
C ASN A 298 26.84 -0.47 -13.70
N ARG A 299 27.23 0.80 -13.79
CA ARG A 299 28.58 1.16 -14.21
C ARG A 299 29.52 1.47 -13.05
N ILE A 300 29.10 1.20 -11.83
CA ILE A 300 29.98 1.39 -10.67
C ILE A 300 30.59 0.03 -10.37
N PRO A 301 31.91 -0.15 -10.55
CA PRO A 301 32.54 -1.47 -10.33
C PRO A 301 32.27 -2.08 -8.95
N GLN A 302 32.31 -1.23 -7.91
CA GLN A 302 32.10 -1.68 -6.55
C GLN A 302 30.73 -2.31 -6.36
N LEU A 303 29.77 -2.06 -7.27
CA LEU A 303 28.46 -2.67 -7.10
C LEU A 303 28.26 -3.94 -7.94
N ALA A 304 29.25 -4.35 -8.74
CA ALA A 304 29.09 -5.58 -9.51
C ALA A 304 28.93 -6.78 -8.58
N GLY A 305 27.98 -7.66 -8.92
CA GLY A 305 27.67 -8.81 -8.09
C GLY A 305 26.84 -8.50 -6.85
N SER A 306 26.41 -7.24 -6.65
CA SER A 306 25.50 -6.97 -5.53
C SER A 306 24.08 -7.42 -5.81
N ILE A 307 23.76 -7.81 -7.05
CA ILE A 307 22.55 -8.58 -7.32
C ILE A 307 22.86 -10.04 -6.99
N ASN A 308 22.03 -10.67 -6.15
CA ASN A 308 22.32 -12.06 -5.81
C ASN A 308 21.81 -13.02 -6.89
N ASP A 309 21.93 -14.33 -6.64
CA ASP A 309 21.69 -15.28 -7.71
C ASP A 309 20.20 -15.54 -7.98
N ILE A 310 19.31 -14.95 -7.17
CA ILE A 310 17.88 -14.97 -7.46
C ILE A 310 17.39 -13.59 -7.88
N GLY A 311 18.30 -12.67 -8.17
CA GLY A 311 17.91 -11.41 -8.78
C GLY A 311 17.58 -10.27 -7.82
N THR A 312 17.92 -10.39 -6.55
CA THR A 312 17.59 -9.38 -5.55
C THR A 312 18.82 -8.57 -5.18
N PHE A 313 18.67 -7.25 -5.09
CA PHE A 313 19.77 -6.43 -4.64
C PHE A 313 20.06 -6.68 -3.16
N THR A 314 21.25 -7.17 -2.85
CA THR A 314 21.61 -7.57 -1.49
C THR A 314 23.00 -7.00 -1.20
N PRO A 315 23.09 -5.69 -1.00
CA PRO A 315 24.39 -5.04 -0.84
C PRO A 315 25.02 -5.31 0.53
N SER A 316 26.35 -5.24 0.57
CA SER A 316 27.01 -5.06 1.85
C SER A 316 26.67 -3.66 2.39
N ASP A 317 27.07 -3.39 3.64
CA ASP A 317 26.89 -2.04 4.18
C ASP A 317 27.55 -0.99 3.30
N GLU A 318 28.80 -1.24 2.90
CA GLU A 318 29.50 -0.26 2.07
C GLU A 318 28.85 -0.12 0.69
N GLN A 319 28.38 -1.24 0.12
CA GLN A 319 27.69 -1.13 -1.18
C GLN A 319 26.39 -0.35 -1.02
N PHE A 320 25.66 -0.57 0.09
CA PHE A 320 24.45 0.23 0.28
C PHE A 320 24.80 1.71 0.38
N ARG A 321 25.86 2.06 1.11
CA ARG A 321 26.24 3.47 1.22
C ARG A 321 26.55 4.07 -0.15
N ILE A 322 27.29 3.32 -0.98
CA ILE A 322 27.65 3.82 -2.33
C ILE A 322 26.40 4.03 -3.17
N ALA A 323 25.50 3.03 -3.20
CA ALA A 323 24.30 3.13 -4.04
C ALA A 323 23.36 4.23 -3.55
N TYR A 324 23.16 4.31 -2.24
CA TYR A 324 22.26 5.34 -1.70
C TYR A 324 22.82 6.74 -1.93
N ASP A 325 24.11 6.95 -1.63
CA ASP A 325 24.71 8.26 -1.89
C ASP A 325 24.58 8.66 -3.36
N ALA A 326 24.90 7.75 -4.29
CA ALA A 326 24.67 8.07 -5.69
C ALA A 326 23.19 8.40 -5.97
N SER A 327 22.28 7.67 -5.36
CA SER A 327 20.88 7.83 -5.73
C SER A 327 20.34 9.18 -5.26
N GLN A 328 20.91 9.71 -4.18
CA GLN A 328 20.47 10.98 -3.60
C GLN A 328 20.54 12.15 -4.57
N GLN A 329 21.42 12.05 -5.55
CA GLN A 329 21.57 13.12 -6.55
C GLN A 329 20.38 13.20 -7.49
N VAL A 330 19.66 12.10 -7.70
CA VAL A 330 18.61 12.01 -8.71
C VAL A 330 17.29 11.49 -8.18
N PHE A 331 17.22 11.12 -6.91
CA PHE A 331 16.04 10.49 -6.33
C PHE A 331 15.88 10.97 -4.90
N GLY A 332 14.77 11.62 -4.57
CA GLY A 332 14.55 12.07 -3.20
C GLY A 332 13.13 11.72 -2.82
N PHE A 333 12.86 11.76 -1.50
CA PHE A 333 11.52 11.51 -1.02
C PHE A 333 11.10 12.64 -0.09
N ALA A 334 9.79 12.75 0.10
CA ALA A 334 9.23 13.84 0.87
C ALA A 334 7.84 13.43 1.34
N PRO A 335 7.25 14.14 2.29
CA PRO A 335 5.88 13.81 2.71
C PRO A 335 4.91 13.89 1.54
N TYR A 336 3.82 13.13 1.65
CA TYR A 336 2.73 13.29 0.68
C TYR A 336 2.24 14.75 0.64
N PRO A 337 1.93 15.29 -0.53
CA PRO A 337 1.48 16.70 -0.58
C PRO A 337 0.17 16.93 0.13
N ALA A 338 0.09 18.05 0.86
CA ALA A 338 -1.11 18.45 1.57
C ALA A 338 -2.17 19.01 0.64
N VAL A 339 -3.42 18.91 1.04
CA VAL A 339 -4.51 19.63 0.35
C VAL A 339 -4.63 21.06 0.90
N ALA A 340 -4.70 21.20 2.24
CA ALA A 340 -4.70 22.51 2.88
C ALA A 340 -3.26 22.93 3.21
N PRO A 341 -2.70 23.96 2.58
CA PRO A 341 -1.33 24.39 2.87
C PRO A 341 -1.15 24.78 4.34
N GLY A 342 -0.05 24.31 4.93
CA GLY A 342 0.30 24.68 6.29
C GLY A 342 0.29 23.55 7.28
N GLN A 343 -0.31 22.40 6.95
CA GLN A 343 -0.28 21.23 7.84
C GLN A 343 -0.18 19.99 6.97
N PRO A 344 0.24 18.87 7.53
CA PRO A 344 0.42 17.68 6.68
C PRO A 344 -0.91 17.09 6.19
N ALA A 345 -0.76 16.27 5.15
CA ALA A 345 -1.84 15.47 4.60
C ALA A 345 -2.24 14.41 5.62
N LYS A 346 -3.42 13.84 5.43
CA LYS A 346 -3.84 12.62 6.11
C LYS A 346 -3.85 11.55 5.04
N VAL A 347 -2.92 10.61 5.12
CA VAL A 347 -2.60 9.72 4.01
C VAL A 347 -3.24 8.34 4.23
N THR A 348 -3.93 7.82 3.22
CA THR A 348 -4.64 6.54 3.36
C THR A 348 -3.67 5.40 3.68
N ILE A 349 -3.99 4.63 4.75
CA ILE A 349 -3.14 3.50 5.08
C ILE A 349 -3.45 2.28 4.21
N GLY A 350 -2.40 1.51 3.89
CA GLY A 350 -2.51 0.27 3.11
C GLY A 350 -1.85 -0.86 3.87
N GLY A 351 -1.62 -2.00 3.22
CA GLY A 351 -0.87 -3.07 3.87
C GLY A 351 -1.53 -4.42 3.75
N LEU A 352 -1.05 -5.36 4.60
CA LEU A 352 -1.48 -6.75 4.59
C LEU A 352 -1.58 -7.23 6.04
N ASN A 353 -2.67 -7.92 6.32
CA ASN A 353 -2.95 -8.55 7.61
C ASN A 353 -3.03 -10.05 7.40
N LEU A 354 -2.49 -10.81 8.35
CA LEU A 354 -2.51 -12.28 8.24
C LEU A 354 -3.72 -12.84 8.97
N ALA A 355 -4.55 -13.62 8.26
CA ALA A 355 -5.78 -14.18 8.79
C ALA A 355 -5.74 -15.70 8.65
N VAL A 356 -6.32 -16.41 9.63
CA VAL A 356 -6.48 -17.85 9.53
C VAL A 356 -7.87 -18.14 8.97
N ALA A 357 -7.89 -18.89 7.87
CA ALA A 357 -9.14 -19.20 7.19
C ALA A 357 -9.96 -20.18 8.01
N LYS A 358 -11.27 -20.02 7.98
CA LYS A 358 -12.14 -20.96 8.71
C LYS A 358 -12.10 -22.39 8.15
N THR A 359 -11.59 -22.58 6.92
CA THR A 359 -11.42 -23.90 6.31
C THR A 359 -10.23 -24.69 6.88
N THR A 360 -9.35 -24.08 7.67
CA THR A 360 -8.13 -24.80 8.06
C THR A 360 -8.48 -26.05 8.87
N ARG A 361 -7.74 -27.12 8.61
CA ARG A 361 -7.82 -28.31 9.47
C ARG A 361 -6.90 -28.24 10.68
N HIS A 362 -5.98 -27.21 10.73
CA HIS A 362 -4.92 -27.17 11.71
C HIS A 362 -4.79 -25.74 12.28
N ARG A 363 -5.80 -25.34 13.03
CA ARG A 363 -5.83 -23.99 13.64
C ARG A 363 -4.58 -23.71 14.46
N ALA A 364 -4.14 -24.67 15.28
CA ALA A 364 -2.99 -24.38 16.15
C ALA A 364 -1.76 -24.03 15.32
N GLU A 365 -1.48 -24.86 14.30
CA GLU A 365 -0.28 -24.63 13.50
C GLU A 365 -0.46 -23.41 12.62
N ALA A 366 -1.68 -23.15 12.15
CA ALA A 366 -1.89 -21.94 11.33
C ALA A 366 -1.62 -20.67 12.15
N PHE A 367 -2.10 -20.61 13.39
CA PHE A 367 -1.78 -19.42 14.23
C PHE A 367 -0.30 -19.37 14.64
N GLU A 368 0.33 -20.55 14.87
CA GLU A 368 1.76 -20.55 15.12
C GLU A 368 2.55 -20.02 13.95
N ALA A 369 2.12 -20.39 12.74
CA ALA A 369 2.77 -19.89 11.55
C ALA A 369 2.64 -18.37 11.44
N VAL A 370 1.43 -17.84 11.70
CA VAL A 370 1.24 -16.37 11.66
C VAL A 370 2.25 -15.69 12.59
N ARG A 371 2.44 -16.24 13.81
CA ARG A 371 3.38 -15.58 14.72
C ARG A 371 4.80 -15.59 14.17
N CYS A 372 5.18 -16.71 13.53
CA CYS A 372 6.55 -16.86 12.97
C CYS A 372 6.76 -15.98 11.73
N LEU A 373 5.70 -15.73 10.96
CA LEU A 373 5.80 -14.92 9.73
C LEU A 373 6.05 -13.46 10.05
N ARG A 374 5.55 -13.01 11.19
CA ARG A 374 5.64 -11.60 11.53
C ARG A 374 6.68 -11.33 12.62
N ASP A 375 7.62 -12.26 12.83
CA ASP A 375 8.60 -12.04 13.91
C ASP A 375 9.61 -10.96 13.50
N GLN A 376 10.41 -10.51 14.47
CA GLN A 376 11.27 -9.34 14.26
C GLN A 376 12.21 -9.50 13.06
N HIS A 377 12.90 -10.65 12.97
CA HIS A 377 13.80 -10.91 11.83
C HIS A 377 13.07 -10.81 10.47
N ASN A 378 11.91 -11.43 10.38
CA ASN A 378 11.15 -11.40 9.13
C ASN A 378 10.54 -10.04 8.84
N GLN A 379 10.32 -9.22 9.88
CA GLN A 379 9.85 -7.86 9.66
C GLN A 379 10.94 -6.99 9.07
N ARG A 380 12.18 -7.16 9.55
CA ARG A 380 13.28 -6.45 8.91
C ARG A 380 13.39 -6.85 7.45
N TYR A 381 13.27 -8.15 7.19
CA TYR A 381 13.40 -8.65 5.81
C TYR A 381 12.29 -8.11 4.91
N VAL A 382 11.04 -8.12 5.38
CA VAL A 382 9.95 -7.69 4.50
C VAL A 382 10.10 -6.23 4.12
N SER A 383 10.68 -5.38 5.01
CA SER A 383 10.90 -3.98 4.66
C SER A 383 12.15 -3.77 3.80
N LEU A 384 13.28 -4.34 4.20
CA LEU A 384 14.54 -4.03 3.50
C LEU A 384 14.70 -4.80 2.20
N GLU A 385 14.22 -6.03 2.11
CA GLU A 385 14.30 -6.69 0.82
C GLU A 385 12.98 -6.67 0.04
N GLY A 386 11.86 -6.78 0.74
CA GLY A 386 10.56 -6.75 0.12
C GLY A 386 9.99 -5.38 -0.20
N GLY A 387 10.56 -4.29 0.35
CA GLY A 387 9.96 -2.96 0.14
C GLY A 387 8.64 -2.69 0.85
N LEU A 388 8.18 -3.52 1.78
CA LEU A 388 6.86 -3.31 2.40
C LEU A 388 7.07 -2.84 3.82
N PRO A 389 6.51 -1.69 4.24
CA PRO A 389 6.79 -1.18 5.58
C PRO A 389 6.42 -2.20 6.66
N ALA A 390 7.30 -2.35 7.62
CA ALA A 390 7.02 -3.25 8.74
C ALA A 390 5.94 -2.66 9.64
N VAL A 391 5.30 -3.53 10.44
CA VAL A 391 4.33 -3.06 11.42
C VAL A 391 4.90 -3.01 12.84
N ARG A 392 6.10 -3.53 13.07
CA ARG A 392 6.63 -3.56 14.44
C ARG A 392 7.19 -2.18 14.77
N ALA A 393 6.68 -1.59 15.85
CA ALA A 393 7.07 -0.23 16.22
C ALA A 393 8.57 -0.14 16.54
N SER A 394 9.15 -1.21 17.13
CA SER A 394 10.56 -1.19 17.51
C SER A 394 11.48 -0.86 16.32
N LEU A 395 11.16 -1.35 15.13
CA LEU A 395 12.06 -1.16 14.01
C LEU A 395 12.23 0.32 13.70
N TYR A 396 11.15 1.08 13.83
CA TYR A 396 11.23 2.51 13.49
C TYR A 396 12.02 3.30 14.52
N SER A 397 12.33 2.67 15.68
CA SER A 397 13.21 3.26 16.69
C SER A 397 14.58 2.56 16.72
N ASP A 398 14.94 1.84 15.67
CA ASP A 398 16.15 1.00 15.69
C ASP A 398 17.15 1.61 14.72
N PRO A 399 18.30 2.13 15.21
CA PRO A 399 19.25 2.81 14.27
C PRO A 399 19.82 1.91 13.19
N GLN A 400 19.94 0.60 13.43
CA GLN A 400 20.42 -0.27 12.36
C GLN A 400 19.39 -0.42 11.25
N PHE A 401 18.10 -0.43 11.59
CA PHE A 401 17.04 -0.43 10.57
C PHE A 401 16.96 0.93 9.90
N GLN A 402 17.03 1.99 10.68
CA GLN A 402 16.91 3.35 10.13
C GLN A 402 18.00 3.63 9.11
N ALA A 403 19.19 3.07 9.33
CA ALA A 403 20.30 3.27 8.38
C ALA A 403 20.04 2.65 7.00
N LYS A 404 19.21 1.62 6.91
CA LYS A 404 18.87 0.99 5.62
C LYS A 404 17.49 1.38 5.11
N TYR A 405 16.73 2.18 5.86
CA TYR A 405 15.36 2.49 5.50
C TYR A 405 15.20 3.96 5.72
N PRO A 406 15.75 4.79 4.82
CA PRO A 406 15.93 6.20 5.17
C PRO A 406 14.60 6.97 5.29
N MET A 407 13.50 6.40 4.78
CA MET A 407 12.17 7.01 4.82
C MET A 407 11.47 6.76 6.15
N HIS A 408 12.15 6.09 7.11
CA HIS A 408 11.47 5.57 8.28
C HIS A 408 10.67 6.66 9.02
N ALA A 409 11.19 7.87 9.13
CA ALA A 409 10.54 8.85 10.01
C ALA A 409 9.27 9.40 9.39
N ILE A 410 9.29 9.66 8.07
CA ILE A 410 8.07 10.13 7.42
C ILE A 410 7.04 9.02 7.40
N ILE A 411 7.48 7.79 7.17
CA ILE A 411 6.54 6.69 7.16
C ILE A 411 5.87 6.58 8.53
N ARG A 412 6.67 6.63 9.61
CA ARG A 412 6.04 6.49 10.92
C ARG A 412 5.10 7.64 11.22
N GLN A 413 5.49 8.86 10.81
CA GLN A 413 4.63 10.01 11.04
C GLN A 413 3.29 9.85 10.31
N GLN A 414 3.34 9.40 9.04
CA GLN A 414 2.11 9.28 8.27
C GLN A 414 1.24 8.12 8.72
N LEU A 415 1.85 7.08 9.32
CA LEU A 415 1.05 6.00 9.88
C LEU A 415 0.42 6.39 11.22
N THR A 416 0.94 7.44 11.86
CA THR A 416 0.37 7.86 13.13
C THR A 416 -0.91 8.66 12.97
N ASP A 417 -1.00 9.49 11.94
CA ASP A 417 -2.27 10.18 11.77
C ASP A 417 -2.87 9.85 10.41
N ALA A 418 -3.10 8.55 10.15
CA ALA A 418 -3.46 8.10 8.80
C ALA A 418 -4.94 8.28 8.50
N ALA A 419 -5.23 8.58 7.24
CA ALA A 419 -6.59 8.36 6.75
C ALA A 419 -6.83 6.86 6.62
N VAL A 420 -8.09 6.49 6.70
CA VAL A 420 -8.49 5.11 6.52
C VAL A 420 -9.64 5.06 5.52
N ARG A 421 -9.63 4.05 4.69
CA ARG A 421 -10.76 3.77 3.83
C ARG A 421 -11.89 3.26 4.71
N PRO A 422 -13.14 3.41 4.29
CA PRO A 422 -14.25 2.97 5.14
C PRO A 422 -14.18 1.47 5.41
N ALA A 423 -14.43 1.08 6.66
CA ALA A 423 -14.46 -0.33 7.04
C ALA A 423 -15.91 -0.81 6.95
N THR A 424 -16.20 -1.65 5.97
CA THR A 424 -17.57 -2.08 5.77
C THR A 424 -17.57 -3.42 5.05
N PRO A 425 -18.53 -4.29 5.35
CA PRO A 425 -18.59 -5.57 4.64
C PRO A 425 -18.86 -5.41 3.16
N VAL A 426 -19.39 -4.27 2.69
CA VAL A 426 -19.65 -4.13 1.26
C VAL A 426 -18.57 -3.29 0.58
N TYR A 427 -17.36 -3.28 1.16
CA TYR A 427 -16.29 -2.48 0.58
C TYR A 427 -16.03 -2.81 -0.89
N GLN A 428 -16.01 -4.10 -1.24
CA GLN A 428 -15.67 -4.45 -2.63
C GLN A 428 -16.65 -3.78 -3.62
N ALA A 429 -17.96 -3.80 -3.31
CA ALA A 429 -18.95 -3.14 -4.17
C ALA A 429 -18.82 -1.61 -4.12
N LEU A 430 -18.57 -1.06 -2.93
CA LEU A 430 -18.36 0.38 -2.80
C LEU A 430 -17.17 0.87 -3.65
N SER A 431 -16.03 0.20 -3.55
CA SER A 431 -14.86 0.64 -4.30
C SER A 431 -15.08 0.53 -5.81
N ILE A 432 -15.73 -0.56 -6.27
CA ILE A 432 -16.04 -0.67 -7.69
C ILE A 432 -16.93 0.49 -8.16
N ARG A 433 -17.96 0.83 -7.37
CA ARG A 433 -18.85 1.92 -7.79
C ARG A 433 -18.14 3.28 -7.76
N LEU A 434 -17.36 3.54 -6.71
CA LEU A 434 -16.60 4.80 -6.64
C LEU A 434 -15.62 4.93 -7.80
N ALA A 435 -14.82 3.87 -8.05
CA ALA A 435 -13.81 3.95 -9.13
C ALA A 435 -14.48 4.22 -10.47
N ALA A 436 -15.65 3.60 -10.70
CA ALA A 436 -16.30 3.83 -11.99
C ALA A 436 -16.77 5.28 -12.15
N VAL A 437 -17.18 5.93 -11.06
CA VAL A 437 -17.53 7.35 -11.18
C VAL A 437 -16.28 8.21 -11.39
N LEU A 438 -15.19 7.91 -10.66
CA LEU A 438 -14.01 8.77 -10.70
C LEU A 438 -13.29 8.69 -12.03
N SER A 439 -13.27 7.52 -12.65
CA SER A 439 -12.52 7.22 -13.89
C SER A 439 -13.39 7.46 -15.10
N PRO A 440 -12.88 8.13 -16.18
CA PRO A 440 -11.54 8.75 -16.26
C PRO A 440 -11.50 10.11 -15.54
N ILE A 441 -10.38 10.44 -14.88
CA ILE A 441 -10.40 11.65 -14.05
C ILE A 441 -10.44 12.91 -14.91
N THR A 442 -10.11 12.80 -16.20
CA THR A 442 -10.26 13.95 -17.08
C THR A 442 -11.71 14.40 -17.23
N GLU A 443 -12.66 13.51 -16.98
CA GLU A 443 -14.06 13.83 -17.13
C GLU A 443 -14.73 14.26 -15.83
N ILE A 444 -13.98 14.45 -14.75
CA ILE A 444 -14.59 14.90 -13.49
C ILE A 444 -15.10 16.32 -13.63
N ASP A 445 -16.31 16.56 -13.14
CA ASP A 445 -16.87 17.91 -12.99
C ASP A 445 -17.28 18.03 -11.53
N PRO A 446 -16.50 18.71 -10.70
CA PRO A 446 -16.61 18.51 -9.24
C PRO A 446 -18.03 18.53 -8.65
N GLU A 447 -18.90 19.46 -9.02
CA GLU A 447 -20.20 19.48 -8.33
C GLU A 447 -21.07 18.29 -8.76
N SER A 448 -21.18 18.05 -10.07
CA SER A 448 -22.07 16.97 -10.48
C SER A 448 -21.44 15.61 -10.17
N THR A 449 -20.12 15.52 -10.29
CA THR A 449 -19.45 14.27 -9.92
C THR A 449 -19.62 13.98 -8.44
N ALA A 450 -19.61 15.02 -7.58
CA ALA A 450 -19.84 14.80 -6.14
C ALA A 450 -21.20 14.17 -5.91
N ASP A 451 -22.23 14.66 -6.63
CA ASP A 451 -23.55 14.07 -6.42
C ASP A 451 -23.63 12.64 -6.96
N GLU A 452 -23.01 12.40 -8.10
CA GLU A 452 -23.01 11.04 -8.67
C GLU A 452 -22.26 10.07 -7.76
N LEU A 453 -21.15 10.51 -7.16
CA LEU A 453 -20.44 9.67 -6.19
C LEU A 453 -21.33 9.30 -5.02
N ALA A 454 -22.00 10.30 -4.43
CA ALA A 454 -22.86 10.01 -3.28
C ALA A 454 -23.95 9.01 -3.66
N ALA A 455 -24.56 9.19 -4.85
CA ALA A 455 -25.63 8.28 -5.26
C ALA A 455 -25.10 6.85 -5.49
N GLN A 456 -23.95 6.70 -6.15
CA GLN A 456 -23.38 5.36 -6.33
C GLN A 456 -22.96 4.72 -5.00
N ALA A 457 -22.38 5.52 -4.07
CA ALA A 457 -21.99 4.96 -2.78
C ALA A 457 -23.23 4.46 -2.05
N GLN A 458 -24.33 5.19 -2.19
CA GLN A 458 -25.55 4.81 -1.51
C GLN A 458 -26.08 3.48 -2.04
N LYS A 459 -26.00 3.26 -3.35
CA LYS A 459 -26.41 1.97 -3.89
C LYS A 459 -25.57 0.83 -3.28
N ALA A 460 -24.26 1.06 -3.13
CA ALA A 460 -23.41 0.03 -2.51
C ALA A 460 -23.86 -0.26 -1.08
N ILE A 461 -24.04 0.76 -0.25
CA ILE A 461 -24.40 0.39 1.12
C ILE A 461 -25.86 -0.06 1.24
N ASP A 462 -26.71 0.25 0.26
CA ASP A 462 -28.08 -0.26 0.25
C ASP A 462 -28.09 -1.76 0.00
N GLY A 463 -27.09 -2.27 -0.72
CA GLY A 463 -26.85 -3.72 -0.71
C GLY A 463 -26.45 -4.30 0.66
N MET A 464 -26.69 -3.56 1.74
CA MET A 464 -26.41 -3.92 3.14
C MET A 464 -24.96 -4.30 3.42
#